data_4BI7
#
_entry.id   4BI7
#
_cell.length_a   55.548
_cell.length_b   102.021
_cell.length_c   118.769
_cell.angle_alpha   90.00
_cell.angle_beta   90.00
_cell.angle_gamma   90.00
#
_symmetry.space_group_name_H-M   'I 2 2 2'
#
loop_
_entity.id
_entity.type
_entity.pdbx_description
1 polymer 'TRIOSEPHOSPHATE ISOMERASE'
2 non-polymer '2-PHOSPHOGLYCOLIC ACID'
3 non-polymer 'SULFATE ION'
4 water water
#
_entity_poly.entity_id   1
_entity_poly.type   'polypeptide(L)'
_entity_poly.pdbx_seq_one_letter_code
;MPARRPFIGGNFKCNGSLDFIKSHVAAIAAHKIPDSVDVVIAPSAVHLSTAIAANTSKQLRIAAQNVYLEGNGAWTGETS
VEMLQDMGLKHVIVGHSERRRIMGETDEQSAKKAKRALEKGMTVIFCVGETLDERKANRTMEVNIAQLEALGKELGESKM
LWKEVVIAYEPVWSIGTGVVATPEQAEEVHVGLRKWFAEKVAAEGAQHIRIIYGGSANGSNCEKLGQCPNIDGFLVGGAS
LKPEFMTMIDILTKTRT
;
_entity_poly.pdbx_strand_id   A
#
loop_
_chem_comp.id
_chem_comp.type
_chem_comp.name
_chem_comp.formula
PGA non-polymer '2-PHOSPHOGLYCOLIC ACID' 'C2 H5 O6 P'
SO4 non-polymer 'SULFATE ION' 'O4 S -2'
#
# COMPACT_ATOMS: atom_id res chain seq x y z
N PRO A 2 -12.42 -17.36 6.56
CA PRO A 2 -11.44 -17.60 5.50
C PRO A 2 -10.35 -16.53 5.47
N ALA A 3 -9.22 -16.82 4.82
CA ALA A 3 -8.02 -16.00 4.95
C ALA A 3 -7.48 -15.35 3.67
N ARG A 4 -6.43 -14.55 3.86
CA ARG A 4 -5.88 -13.67 2.82
C ARG A 4 -4.42 -14.02 2.51
N ARG A 5 -4.02 -13.88 1.26
CA ARG A 5 -2.59 -13.85 0.94
C ARG A 5 -1.97 -12.62 1.60
N PRO A 6 -0.96 -12.82 2.44
CA PRO A 6 -0.28 -11.69 3.06
C PRO A 6 0.39 -10.80 2.01
N PHE A 7 0.57 -9.53 2.35
CA PHE A 7 1.05 -8.55 1.41
C PHE A 7 2.05 -7.65 2.12
N ILE A 8 3.24 -7.48 1.54
CA ILE A 8 4.16 -6.47 2.07
C ILE A 8 4.63 -5.57 0.95
N GLY A 9 4.49 -4.26 1.15
CA GLY A 9 4.90 -3.31 0.13
C GLY A 9 5.95 -2.39 0.71
N GLY A 10 6.96 -2.08 -0.08
CA GLY A 10 7.97 -1.13 0.34
C GLY A 10 7.90 0.14 -0.49
N ASN A 11 7.51 1.23 0.15
CA ASN A 11 7.40 2.52 -0.53
C ASN A 11 8.70 3.30 -0.33
N PHE A 12 9.50 3.45 -1.38
CA PHE A 12 10.78 4.14 -1.24
C PHE A 12 10.62 5.64 -1.09
N LYS A 13 9.43 6.15 -1.40
CA LYS A 13 9.15 7.58 -1.42
C LYS A 13 10.15 8.33 -2.29
N CYS A 14 10.50 9.55 -1.91
CA CYS A 14 11.41 10.33 -2.75
C CYS A 14 12.84 10.09 -2.29
N ASN A 15 13.31 8.86 -2.49
CA ASN A 15 14.66 8.48 -2.09
C ASN A 15 15.27 7.59 -3.15
N GLY A 16 16.59 7.67 -3.26
CA GLY A 16 17.29 6.79 -4.15
C GLY A 16 18.10 7.50 -5.22
N SER A 17 19.11 6.80 -5.69
CA SER A 17 19.94 7.21 -6.80
C SER A 17 19.95 5.99 -7.69
N LEU A 18 20.44 6.13 -8.92
CA LEU A 18 20.52 4.96 -9.79
C LEU A 18 21.33 3.82 -9.16
N ASP A 19 22.48 4.15 -8.59
CA ASP A 19 23.33 3.12 -7.98
C ASP A 19 22.62 2.45 -6.79
N PHE A 20 21.92 3.25 -5.98
CA PHE A 20 21.20 2.65 -4.86
C PHE A 20 20.09 1.72 -5.32
N ILE A 21 19.33 2.15 -6.33
CA ILE A 21 18.26 1.30 -6.81
C ILE A 21 18.82 -0.01 -7.32
N LYS A 22 19.89 0.06 -8.09
CA LYS A 22 20.50 -1.15 -8.61
C LYS A 22 20.93 -2.09 -7.49
N SER A 23 21.61 -1.53 -6.50
N SER A 23 21.63 -1.53 -6.50
CA SER A 23 22.17 -2.34 -5.42
CA SER A 23 22.17 -2.31 -5.40
C SER A 23 21.10 -2.87 -4.47
C SER A 23 21.07 -2.88 -4.52
N HIS A 24 20.13 -2.03 -4.13
CA HIS A 24 19.09 -2.42 -3.19
C HIS A 24 18.06 -3.38 -3.80
N VAL A 25 17.68 -3.15 -5.06
CA VAL A 25 16.77 -4.08 -5.71
C VAL A 25 17.47 -5.43 -5.89
N ALA A 26 18.76 -5.42 -6.23
CA ALA A 26 19.50 -6.69 -6.30
C ALA A 26 19.50 -7.41 -4.95
N ALA A 27 19.70 -6.67 -3.87
CA ALA A 27 19.71 -7.26 -2.52
C ALA A 27 18.37 -7.90 -2.17
N ILE A 28 17.28 -7.21 -2.49
CA ILE A 28 15.96 -7.76 -2.21
C ILE A 28 15.72 -8.98 -3.09
N ALA A 29 16.09 -8.89 -4.36
CA ALA A 29 15.86 -9.98 -5.28
C ALA A 29 16.65 -11.23 -4.90
N ALA A 30 17.76 -11.05 -4.19
CA ALA A 30 18.61 -12.16 -3.76
C ALA A 30 18.04 -12.90 -2.56
N HIS A 31 17.08 -12.26 -1.90
CA HIS A 31 16.43 -12.87 -0.75
C HIS A 31 15.50 -13.97 -1.23
N LYS A 32 15.38 -15.03 -0.44
CA LYS A 32 14.44 -16.09 -0.78
C LYS A 32 13.03 -15.65 -0.44
N ILE A 33 12.28 -15.20 -1.44
CA ILE A 33 10.91 -14.76 -1.23
C ILE A 33 9.95 -15.92 -1.53
N PRO A 34 9.10 -16.28 -0.55
CA PRO A 34 8.21 -17.40 -0.79
C PRO A 34 7.07 -17.06 -1.74
N ASP A 35 6.48 -18.08 -2.35
CA ASP A 35 5.38 -17.87 -3.29
C ASP A 35 4.08 -17.55 -2.59
N SER A 36 4.10 -17.65 -1.26
CA SER A 36 2.89 -17.53 -0.46
C SER A 36 2.57 -16.11 -0.03
N VAL A 37 3.49 -15.17 -0.31
N VAL A 37 3.48 -15.18 -0.30
CA VAL A 37 3.34 -13.79 0.11
CA VAL A 37 3.27 -13.80 0.07
C VAL A 37 3.56 -12.84 -1.07
C VAL A 37 3.49 -12.88 -1.13
N ASP A 38 2.77 -11.78 -1.16
CA ASP A 38 2.98 -10.79 -2.21
C ASP A 38 4.00 -9.79 -1.70
N VAL A 39 5.07 -9.55 -2.45
CA VAL A 39 6.08 -8.59 -2.05
C VAL A 39 6.26 -7.59 -3.18
N VAL A 40 6.08 -6.31 -2.88
N VAL A 40 6.01 -6.32 -2.90
CA VAL A 40 6.08 -5.27 -3.90
CA VAL A 40 6.16 -5.29 -3.91
C VAL A 40 6.88 -4.07 -3.41
C VAL A 40 7.06 -4.20 -3.37
N ILE A 41 7.72 -3.50 -4.28
CA ILE A 41 8.47 -2.31 -3.91
C ILE A 41 8.13 -1.20 -4.88
N ALA A 42 8.06 0.03 -4.37
CA ALA A 42 7.67 1.16 -5.20
C ALA A 42 8.76 2.22 -5.22
N PRO A 43 9.67 2.13 -6.20
CA PRO A 43 10.67 3.19 -6.38
C PRO A 43 10.05 4.46 -6.93
N SER A 44 10.80 5.55 -6.88
CA SER A 44 10.37 6.80 -7.48
C SER A 44 10.22 6.61 -8.99
N ALA A 45 9.36 7.40 -9.62
CA ALA A 45 9.01 7.17 -11.03
C ALA A 45 10.22 7.14 -11.96
N VAL A 46 11.17 8.03 -11.72
CA VAL A 46 12.33 8.10 -12.60
C VAL A 46 13.20 6.86 -12.50
N HIS A 47 13.01 6.08 -11.43
CA HIS A 47 13.80 4.87 -11.22
C HIS A 47 13.12 3.57 -11.60
N LEU A 48 11.88 3.63 -12.08
CA LEU A 48 11.13 2.41 -12.33
C LEU A 48 11.83 1.51 -13.33
N SER A 49 12.28 2.05 -14.45
CA SER A 49 12.89 1.17 -15.45
CA SER A 49 12.95 1.22 -15.46
C SER A 49 14.21 0.57 -14.94
N THR A 50 14.95 1.32 -14.13
CA THR A 50 16.20 0.83 -13.55
C THR A 50 15.89 -0.32 -12.58
N ALA A 51 14.83 -0.15 -11.80
CA ALA A 51 14.43 -1.18 -10.85
C ALA A 51 13.95 -2.45 -11.56
N ILE A 52 13.22 -2.28 -12.65
CA ILE A 52 12.72 -3.42 -13.42
C ILE A 52 13.90 -4.20 -13.97
N ALA A 53 14.89 -3.50 -14.50
CA ALA A 53 16.09 -4.16 -15.05
C ALA A 53 16.88 -4.87 -13.96
N ALA A 54 16.89 -4.31 -12.76
CA ALA A 54 17.64 -4.92 -11.66
C ALA A 54 16.89 -6.08 -11.01
N ASN A 55 15.60 -6.18 -11.26
CA ASN A 55 14.79 -7.18 -10.57
C ASN A 55 14.86 -8.54 -11.23
N THR A 56 15.72 -9.40 -10.71
CA THR A 56 15.88 -10.75 -11.25
C THR A 56 14.98 -11.77 -10.53
N SER A 57 14.22 -11.32 -9.54
CA SER A 57 13.32 -12.19 -8.80
C SER A 57 12.11 -12.62 -9.60
N LYS A 58 11.68 -13.86 -9.38
CA LYS A 58 10.44 -14.35 -9.95
C LYS A 58 9.24 -14.05 -9.05
N GLN A 59 9.49 -13.49 -7.88
CA GLN A 59 8.41 -13.16 -6.94
C GLN A 59 8.22 -11.66 -6.73
N LEU A 60 9.32 -10.95 -6.55
CA LEU A 60 9.27 -9.51 -6.29
C LEU A 60 8.61 -8.77 -7.44
N ARG A 61 7.71 -7.84 -7.11
CA ARG A 61 7.11 -7.00 -8.14
C ARG A 61 7.42 -5.53 -7.88
N ILE A 62 7.59 -4.79 -8.97
CA ILE A 62 7.81 -3.35 -8.92
C ILE A 62 6.46 -2.62 -9.06
N ALA A 63 6.26 -1.60 -8.23
CA ALA A 63 5.01 -0.80 -8.23
C ALA A 63 5.33 0.68 -8.40
N ALA A 64 4.32 1.47 -8.77
CA ALA A 64 4.47 2.91 -8.83
C ALA A 64 3.92 3.57 -7.56
N GLN A 65 4.41 4.78 -7.25
CA GLN A 65 3.97 5.49 -6.04
C GLN A 65 2.73 6.34 -6.22
N ASN A 66 2.34 6.56 -7.48
CA ASN A 66 1.26 7.48 -7.80
C ASN A 66 0.91 7.30 -9.26
N VAL A 67 -0.30 7.71 -9.63
CA VAL A 67 -0.68 7.71 -11.05
C VAL A 67 -1.75 8.76 -11.16
N TYR A 68 -1.95 9.29 -12.36
CA TYR A 68 -2.94 10.35 -12.54
C TYR A 68 -4.32 9.75 -12.87
N LEU A 69 -5.35 10.60 -12.88
CA LEU A 69 -6.70 10.10 -13.09
C LEU A 69 -7.21 10.30 -14.53
N GLU A 70 -6.31 10.67 -15.43
CA GLU A 70 -6.63 10.76 -16.85
C GLU A 70 -5.72 9.81 -17.61
N GLY A 71 -6.11 9.45 -18.82
CA GLY A 71 -5.25 8.69 -19.71
C GLY A 71 -4.14 9.57 -20.27
N ASN A 72 -3.46 9.10 -21.30
CA ASN A 72 -2.43 9.90 -21.94
C ASN A 72 -3.05 11.19 -22.50
N GLY A 73 -2.28 12.27 -22.43
CA GLY A 73 -2.77 13.55 -22.88
C GLY A 73 -1.97 14.68 -22.29
N ALA A 74 -2.58 15.86 -22.24
CA ALA A 74 -1.86 17.07 -21.89
C ALA A 74 -1.84 17.27 -20.39
N TRP A 75 -1.08 16.43 -19.70
CA TRP A 75 -1.01 16.47 -18.24
C TRP A 75 0.46 16.52 -17.83
N THR A 76 1.07 17.68 -18.03
CA THR A 76 2.51 17.83 -17.78
C THR A 76 2.87 17.41 -16.36
N GLY A 77 3.89 16.56 -16.25
CA GLY A 77 4.32 16.10 -14.94
C GLY A 77 3.61 14.87 -14.42
N GLU A 78 2.58 14.41 -15.12
CA GLU A 78 1.82 13.27 -14.64
C GLU A 78 2.08 11.98 -15.41
N THR A 79 1.80 10.86 -14.75
CA THR A 79 1.97 9.54 -15.35
C THR A 79 0.60 8.89 -15.51
N SER A 80 0.35 8.22 -16.63
CA SER A 80 -0.94 7.55 -16.84
C SER A 80 -0.85 6.06 -16.50
N VAL A 81 -2.01 5.45 -16.26
CA VAL A 81 -2.08 4.00 -16.06
C VAL A 81 -1.49 3.30 -17.28
N GLU A 82 -1.81 3.81 -18.46
CA GLU A 82 -1.32 3.25 -19.71
C GLU A 82 0.21 3.15 -19.72
N MET A 83 0.88 4.20 -19.25
CA MET A 83 2.33 4.18 -19.19
C MET A 83 2.85 3.09 -18.27
N LEU A 84 2.19 2.94 -17.13
CA LEU A 84 2.63 1.95 -16.14
C LEU A 84 2.44 0.54 -16.69
N GLN A 85 1.31 0.30 -17.34
CA GLN A 85 1.05 -1.03 -17.91
C GLN A 85 1.99 -1.35 -19.09
N ASP A 86 2.33 -0.33 -19.86
CA ASP A 86 3.29 -0.51 -20.95
C ASP A 86 4.67 -0.94 -20.42
N MET A 87 4.99 -0.52 -19.20
CA MET A 87 6.24 -0.91 -18.55
C MET A 87 6.15 -2.26 -17.86
N GLY A 88 4.95 -2.83 -17.86
CA GLY A 88 4.73 -4.16 -17.28
C GLY A 88 4.35 -4.17 -15.81
N LEU A 89 4.00 -3.00 -15.27
CA LEU A 89 3.64 -2.92 -13.85
C LEU A 89 2.19 -3.31 -13.61
N LYS A 90 1.96 -3.94 -12.46
CA LYS A 90 0.64 -4.42 -12.03
C LYS A 90 0.13 -3.61 -10.85
N HIS A 91 1.03 -3.02 -10.07
CA HIS A 91 0.66 -2.39 -8.79
C HIS A 91 0.89 -0.88 -8.77
N VAL A 92 0.03 -0.16 -8.05
CA VAL A 92 0.23 1.26 -7.83
C VAL A 92 -0.31 1.69 -6.49
N ILE A 93 0.42 2.58 -5.81
CA ILE A 93 -0.05 3.19 -4.57
C ILE A 93 -0.93 4.40 -4.92
N VAL A 94 -2.11 4.46 -4.32
CA VAL A 94 -3.00 5.60 -4.52
C VAL A 94 -3.44 6.16 -3.17
N GLY A 95 -3.45 7.48 -3.07
CA GLY A 95 -3.97 8.14 -1.89
C GLY A 95 -3.04 8.14 -0.69
N HIS A 96 -1.73 8.04 -0.92
CA HIS A 96 -0.82 8.08 0.19
C HIS A 96 -1.06 9.38 0.97
N SER A 97 -0.92 9.31 2.30
N SER A 97 -0.93 9.30 2.29
CA SER A 97 -1.22 10.48 3.12
CA SER A 97 -1.19 10.46 3.14
C SER A 97 -0.33 11.70 2.83
C SER A 97 -0.36 11.69 2.78
N GLU A 98 0.86 11.49 2.28
CA GLU A 98 1.70 12.61 1.91
C GLU A 98 1.05 13.37 0.76
N ARG A 99 0.40 12.64 -0.14
CA ARG A 99 -0.28 13.30 -1.24
C ARG A 99 -1.60 13.92 -0.78
N ARG A 100 -2.28 13.26 0.13
CA ARG A 100 -3.55 13.81 0.63
C ARG A 100 -3.31 15.06 1.47
N ARG A 101 -2.37 14.96 2.40
CA ARG A 101 -2.27 15.97 3.46
C ARG A 101 -1.29 17.09 3.13
N ILE A 102 -0.27 16.79 2.33
CA ILE A 102 0.75 17.77 2.01
C ILE A 102 0.50 18.36 0.64
N MET A 103 0.05 17.52 -0.29
CA MET A 103 -0.07 17.95 -1.68
C MET A 103 -1.49 18.21 -2.15
N GLY A 104 -2.44 18.09 -1.23
CA GLY A 104 -3.81 18.50 -1.48
C GLY A 104 -4.63 17.57 -2.35
N GLU A 105 -4.24 16.30 -2.43
CA GLU A 105 -5.03 15.33 -3.17
C GLU A 105 -6.32 15.04 -2.39
N THR A 106 -7.47 15.31 -3.03
CA THR A 106 -8.75 15.17 -2.34
C THR A 106 -9.23 13.72 -2.30
N ASP A 107 -10.19 13.44 -1.42
CA ASP A 107 -10.74 12.09 -1.30
C ASP A 107 -11.28 11.63 -2.65
N GLU A 108 -11.94 12.53 -3.35
CA GLU A 108 -12.52 12.21 -4.65
C GLU A 108 -11.44 11.96 -5.70
N GLN A 109 -10.38 12.75 -5.67
CA GLN A 109 -9.28 12.55 -6.61
C GLN A 109 -8.62 11.20 -6.40
N SER A 110 -8.34 10.85 -5.14
CA SER A 110 -7.76 9.54 -4.85
C SER A 110 -8.67 8.43 -5.35
N ALA A 111 -9.97 8.59 -5.11
CA ALA A 111 -10.93 7.59 -5.53
C ALA A 111 -10.95 7.42 -7.05
N LYS A 112 -10.90 8.54 -7.78
CA LYS A 112 -10.91 8.50 -9.24
C LYS A 112 -9.64 7.88 -9.82
N LYS A 113 -8.50 8.16 -9.21
CA LYS A 113 -7.26 7.52 -9.62
C LYS A 113 -7.36 6.01 -9.45
N ALA A 114 -7.83 5.59 -8.28
CA ALA A 114 -7.98 4.16 -7.99
C ALA A 114 -8.91 3.48 -8.97
N LYS A 115 -10.08 4.08 -9.20
CA LYS A 115 -11.04 3.47 -10.10
C LYS A 115 -10.44 3.27 -11.48
N ARG A 116 -9.76 4.30 -11.98
CA ARG A 116 -9.20 4.20 -13.32
C ARG A 116 -8.18 3.06 -13.39
N ALA A 117 -7.30 2.99 -12.38
CA ALA A 117 -6.30 1.93 -12.37
C ALA A 117 -6.94 0.54 -12.28
N LEU A 118 -7.94 0.40 -11.40
CA LEU A 118 -8.60 -0.89 -11.21
C LEU A 118 -9.33 -1.34 -12.46
N GLU A 119 -9.97 -0.40 -13.14
CA GLU A 119 -10.73 -0.73 -14.35
C GLU A 119 -9.80 -1.24 -15.44
N LYS A 120 -8.56 -0.76 -15.43
CA LYS A 120 -7.58 -1.20 -16.42
C LYS A 120 -6.83 -2.47 -16.02
N GLY A 121 -7.12 -2.98 -14.82
CA GLY A 121 -6.60 -4.27 -14.42
C GLY A 121 -5.45 -4.22 -13.42
N MET A 122 -5.16 -3.03 -12.90
CA MET A 122 -4.09 -2.92 -11.91
C MET A 122 -4.57 -3.28 -10.50
N THR A 123 -3.60 -3.60 -9.65
CA THR A 123 -3.85 -3.77 -8.23
C THR A 123 -3.50 -2.43 -7.58
N VAL A 124 -4.43 -1.90 -6.79
CA VAL A 124 -4.22 -0.61 -6.14
C VAL A 124 -4.02 -0.77 -4.66
N ILE A 125 -2.94 -0.20 -4.14
CA ILE A 125 -2.74 -0.10 -2.71
C ILE A 125 -3.33 1.24 -2.31
N PHE A 126 -4.53 1.19 -1.73
CA PHE A 126 -5.30 2.39 -1.47
C PHE A 126 -5.12 2.79 0.01
N CYS A 127 -4.52 3.96 0.23
CA CYS A 127 -4.13 4.36 1.58
C CYS A 127 -5.17 5.24 2.23
N VAL A 128 -5.43 4.98 3.51
CA VAL A 128 -6.31 5.81 4.31
C VAL A 128 -5.64 6.06 5.64
N GLY A 129 -6.09 7.10 6.36
CA GLY A 129 -5.57 7.32 7.69
C GLY A 129 -5.91 8.68 8.26
N GLU A 130 -5.90 8.77 9.58
CA GLU A 130 -6.31 9.98 10.28
C GLU A 130 -5.11 10.69 10.88
N THR A 131 -5.24 12.00 11.10
CA THR A 131 -4.18 12.76 11.75
C THR A 131 -4.36 12.70 13.27
N LEU A 132 -3.34 13.17 13.99
CA LEU A 132 -3.39 13.16 15.45
C LEU A 132 -4.55 14.03 15.93
N ASP A 133 -4.76 15.15 15.24
CA ASP A 133 -5.87 16.06 15.55
C ASP A 133 -7.21 15.36 15.41
N GLU A 134 -7.38 14.63 14.31
CA GLU A 134 -8.62 13.90 14.06
C GLU A 134 -8.83 12.78 15.08
N ARG A 135 -7.76 12.12 15.49
CA ARG A 135 -7.88 11.07 16.51
C ARG A 135 -8.20 11.66 17.87
N LYS A 136 -7.58 12.80 18.19
CA LYS A 136 -7.89 13.50 19.45
C LYS A 136 -9.35 13.92 19.50
N ALA A 137 -9.91 14.26 18.35
CA ALA A 137 -11.29 14.69 18.23
C ALA A 137 -12.23 13.49 18.15
N ASN A 138 -11.66 12.30 18.37
CA ASN A 138 -12.41 11.05 18.28
C ASN A 138 -13.13 10.87 16.95
N ARG A 139 -12.42 11.14 15.86
CA ARG A 139 -13.01 11.03 14.53
C ARG A 139 -12.24 10.04 13.67
N THR A 140 -11.43 9.20 14.32
CA THR A 140 -10.60 8.23 13.60
C THR A 140 -11.39 7.43 12.57
N MET A 141 -12.45 6.75 13.00
CA MET A 141 -13.20 5.91 12.08
C MET A 141 -13.97 6.73 11.04
N GLU A 142 -14.50 7.88 11.46
CA GLU A 142 -15.23 8.75 10.54
C GLU A 142 -14.36 9.18 9.37
N VAL A 143 -13.11 9.53 9.67
CA VAL A 143 -12.16 9.98 8.65
C VAL A 143 -11.79 8.85 7.70
N ASN A 144 -11.37 7.73 8.26
CA ASN A 144 -10.98 6.58 7.45
C ASN A 144 -12.14 6.08 6.59
N ILE A 145 -13.33 6.00 7.19
CA ILE A 145 -14.48 5.55 6.44
C ILE A 145 -14.83 6.52 5.31
N ALA A 146 -14.67 7.81 5.56
CA ALA A 146 -14.96 8.82 4.54
C ALA A 146 -14.05 8.64 3.34
N GLN A 147 -12.78 8.34 3.60
CA GLN A 147 -11.83 8.16 2.51
C GLN A 147 -12.21 6.93 1.69
N LEU A 148 -12.70 5.90 2.36
CA LEU A 148 -13.10 4.66 1.68
C LEU A 148 -14.43 4.83 0.97
N GLU A 149 -15.33 5.59 1.56
CA GLU A 149 -16.63 5.81 0.93
C GLU A 149 -16.49 6.60 -0.37
N ALA A 150 -15.49 7.48 -0.42
CA ALA A 150 -15.18 8.13 -1.68
C ALA A 150 -14.82 7.12 -2.78
N LEU A 151 -14.03 6.08 -2.44
CA LEU A 151 -13.73 5.03 -3.41
C LEU A 151 -15.01 4.24 -3.72
N GLY A 152 -15.78 3.97 -2.67
CA GLY A 152 -17.05 3.28 -2.81
C GLY A 152 -17.97 4.02 -3.76
N LYS A 153 -17.98 5.34 -3.69
CA LYS A 153 -18.80 6.13 -4.59
C LYS A 153 -18.40 5.92 -6.05
N GLU A 154 -17.10 5.80 -6.31
CA GLU A 154 -16.64 5.54 -7.66
C GLU A 154 -16.75 4.05 -8.03
N LEU A 155 -16.60 3.15 -7.08
CA LEU A 155 -16.76 1.71 -7.37
C LEU A 155 -18.00 1.04 -6.81
N GLY A 156 -18.73 1.68 -5.92
CA GLY A 156 -19.87 1.02 -5.31
C GLY A 156 -19.57 -0.29 -4.63
N GLU A 157 -20.36 -1.29 -5.04
CA GLU A 157 -20.28 -2.68 -4.56
C GLU A 157 -19.63 -3.56 -5.62
N SER A 158 -19.06 -2.93 -6.61
CA SER A 158 -18.48 -3.66 -7.69
C SER A 158 -17.42 -4.71 -7.35
N LYS A 159 -17.67 -5.81 -7.97
CA LYS A 159 -17.04 -7.00 -7.67
C LYS A 159 -15.88 -6.99 -8.54
N MET A 160 -14.78 -7.07 -7.87
CA MET A 160 -13.65 -7.26 -8.59
C MET A 160 -13.29 -5.95 -9.03
N LEU A 161 -14.08 -4.90 -8.82
CA LEU A 161 -13.27 -3.72 -8.80
C LEU A 161 -12.53 -3.84 -7.46
N TRP A 162 -13.24 -4.25 -6.42
CA TRP A 162 -12.64 -4.35 -5.10
C TRP A 162 -11.67 -5.52 -4.97
N LYS A 163 -11.78 -6.50 -5.86
CA LYS A 163 -10.92 -7.68 -5.74
C LYS A 163 -9.44 -7.33 -5.76
N GLU A 164 -9.07 -6.30 -6.52
CA GLU A 164 -7.66 -5.96 -6.63
C GLU A 164 -7.32 -4.69 -5.86
N VAL A 165 -8.11 -4.40 -4.83
CA VAL A 165 -7.75 -3.35 -3.89
C VAL A 165 -7.08 -3.96 -2.67
N VAL A 166 -5.98 -3.34 -2.25
CA VAL A 166 -5.37 -3.64 -0.96
C VAL A 166 -5.49 -2.35 -0.18
N ILE A 167 -6.22 -2.39 0.93
N ILE A 167 -6.21 -2.41 0.94
CA ILE A 167 -6.37 -1.20 1.75
CA ILE A 167 -6.37 -1.24 1.79
C ILE A 167 -5.17 -1.07 2.68
C ILE A 167 -5.15 -1.08 2.68
N ALA A 168 -4.58 0.12 2.70
CA ALA A 168 -3.45 0.37 3.60
C ALA A 168 -3.84 1.41 4.62
N TYR A 169 -3.90 1.01 5.88
CA TYR A 169 -4.18 1.95 6.96
C TYR A 169 -2.87 2.46 7.53
N GLU A 170 -2.63 3.76 7.40
CA GLU A 170 -1.43 4.37 7.95
C GLU A 170 -1.83 5.60 8.74
N PRO A 171 -1.87 5.49 10.08
CA PRO A 171 -2.17 6.69 10.86
C PRO A 171 -1.13 7.77 10.55
N VAL A 172 -1.57 8.99 10.26
CA VAL A 172 -0.64 10.03 9.83
C VAL A 172 0.39 10.29 10.93
N TRP A 173 -0.03 10.16 12.18
CA TRP A 173 0.88 10.40 13.30
C TRP A 173 1.95 9.32 13.45
N SER A 174 1.83 8.24 12.69
N SER A 174 1.83 8.24 12.69
CA SER A 174 2.81 7.16 12.74
CA SER A 174 2.79 7.14 12.74
C SER A 174 3.77 7.21 11.57
C SER A 174 3.75 7.18 11.55
N ILE A 175 3.54 8.11 10.63
CA ILE A 175 4.36 8.15 9.42
C ILE A 175 5.65 8.93 9.64
N GLY A 176 6.76 8.19 9.67
CA GLY A 176 8.09 8.76 9.75
C GLY A 176 8.44 9.34 11.10
N THR A 177 7.60 9.05 12.10
CA THR A 177 7.74 9.66 13.41
C THR A 177 8.38 8.71 14.41
N GLY A 178 8.52 7.44 14.03
CA GLY A 178 9.01 6.44 14.96
C GLY A 178 7.97 6.05 16.01
N VAL A 179 6.75 6.53 15.84
CA VAL A 179 5.67 6.16 16.75
C VAL A 179 4.71 5.20 16.06
N VAL A 180 4.99 3.90 16.19
CA VAL A 180 4.13 2.90 15.60
C VAL A 180 2.83 2.80 16.43
N ALA A 181 1.73 2.47 15.77
CA ALA A 181 0.51 2.13 16.49
C ALA A 181 0.74 0.85 17.27
N THR A 182 0.14 0.74 18.44
CA THR A 182 0.22 -0.52 19.17
C THR A 182 -0.61 -1.54 18.41
N PRO A 183 -0.33 -2.83 18.61
CA PRO A 183 -1.16 -3.86 17.97
C PRO A 183 -2.63 -3.62 18.28
N GLU A 184 -2.94 -3.25 19.52
CA GLU A 184 -4.30 -2.97 19.94
C GLU A 184 -4.94 -1.81 19.13
N GLN A 185 -4.22 -0.71 18.99
CA GLN A 185 -4.70 0.45 18.25
C GLN A 185 -4.91 0.12 16.77
N ALA A 186 -3.96 -0.59 16.18
CA ALA A 186 -4.05 -0.91 14.75
C ALA A 186 -5.18 -1.89 14.49
N GLU A 187 -5.22 -2.95 15.29
CA GLU A 187 -6.27 -3.97 15.12
C GLU A 187 -7.66 -3.36 15.26
N GLU A 188 -7.83 -2.44 16.21
CA GLU A 188 -9.13 -1.80 16.41
C GLU A 188 -9.62 -1.09 15.14
N VAL A 189 -8.72 -0.35 14.48
CA VAL A 189 -9.08 0.30 13.23
C VAL A 189 -9.34 -0.74 12.13
N HIS A 190 -8.47 -1.73 12.00
CA HIS A 190 -8.66 -2.75 10.97
C HIS A 190 -9.99 -3.49 11.15
N VAL A 191 -10.36 -3.76 12.40
CA VAL A 191 -11.68 -4.37 12.66
C VAL A 191 -12.80 -3.45 12.15
N GLY A 192 -12.68 -2.15 12.42
CA GLY A 192 -13.65 -1.17 11.98
C GLY A 192 -13.75 -1.10 10.46
N LEU A 193 -12.61 -1.18 9.78
CA LEU A 193 -12.61 -1.14 8.32
C LEU A 193 -13.22 -2.41 7.76
N ARG A 194 -12.96 -3.53 8.40
CA ARG A 194 -13.51 -4.77 7.88
C ARG A 194 -15.01 -4.84 8.09
N LYS A 195 -15.48 -4.31 9.23
CA LYS A 195 -16.92 -4.19 9.48
C LYS A 195 -17.59 -3.27 8.46
N TRP A 196 -16.94 -2.16 8.14
CA TRP A 196 -17.45 -1.26 7.10
C TRP A 196 -17.56 -1.99 5.77
N PHE A 197 -16.51 -2.72 5.40
CA PHE A 197 -16.53 -3.41 4.12
C PHE A 197 -17.66 -4.44 4.09
N ALA A 198 -17.82 -5.18 5.18
CA ALA A 198 -18.86 -6.21 5.22
C ALA A 198 -20.25 -5.60 5.07
N GLU A 199 -20.43 -4.42 5.65
CA GLU A 199 -21.74 -3.78 5.71
C GLU A 199 -22.08 -3.01 4.43
N LYS A 200 -21.07 -2.40 3.83
CA LYS A 200 -21.32 -1.46 2.72
C LYS A 200 -20.88 -2.00 1.36
N VAL A 201 -20.11 -3.07 1.36
CA VAL A 201 -19.68 -3.69 0.10
C VAL A 201 -20.15 -5.14 -0.02
N ALA A 202 -19.61 -6.02 0.81
CA ALA A 202 -20.00 -7.43 0.78
C ALA A 202 -19.43 -8.18 1.99
N ALA A 203 -20.26 -8.98 2.65
CA ALA A 203 -19.80 -9.77 3.79
C ALA A 203 -18.75 -10.80 3.39
N GLU A 204 -18.97 -11.46 2.25
CA GLU A 204 -18.01 -12.45 1.79
C GLU A 204 -16.72 -11.76 1.37
N GLY A 205 -16.85 -10.61 0.72
CA GLY A 205 -15.71 -9.83 0.26
C GLY A 205 -14.83 -9.37 1.40
N ALA A 206 -15.45 -9.00 2.52
CA ALA A 206 -14.71 -8.58 3.72
C ALA A 206 -13.77 -9.66 4.23
N GLN A 207 -14.10 -10.91 3.93
CA GLN A 207 -13.25 -12.01 4.34
C GLN A 207 -11.98 -12.12 3.49
N HIS A 208 -11.99 -11.50 2.31
CA HIS A 208 -10.89 -11.69 1.36
C HIS A 208 -10.03 -10.47 1.12
N ILE A 209 -10.54 -9.29 1.39
CA ILE A 209 -9.77 -8.09 1.10
C ILE A 209 -8.59 -7.95 2.05
N ARG A 210 -7.41 -7.63 1.51
CA ARG A 210 -6.24 -7.42 2.35
C ARG A 210 -6.30 -6.00 2.92
N ILE A 211 -6.09 -5.89 4.22
CA ILE A 211 -5.93 -4.60 4.87
C ILE A 211 -4.58 -4.63 5.57
N ILE A 212 -3.67 -3.80 5.08
CA ILE A 212 -2.31 -3.78 5.62
C ILE A 212 -2.09 -2.54 6.47
N TYR A 213 -1.12 -2.61 7.37
CA TYR A 213 -0.78 -1.50 8.25
C TYR A 213 0.49 -0.81 7.79
N GLY A 214 0.50 0.53 7.83
CA GLY A 214 1.75 1.25 7.64
C GLY A 214 1.93 2.33 8.67
N GLY A 215 3.17 2.74 8.89
CA GLY A 215 3.50 3.84 9.77
C GLY A 215 4.48 3.37 10.82
N SER A 216 5.76 3.59 10.55
CA SER A 216 6.86 3.17 11.41
C SER A 216 6.93 1.65 11.62
N ALA A 217 6.38 0.89 10.68
CA ALA A 217 6.52 -0.56 10.74
C ALA A 217 7.95 -0.92 10.38
N ASN A 218 8.56 -1.79 11.18
CA ASN A 218 9.94 -2.20 10.94
C ASN A 218 10.21 -3.62 11.43
N GLY A 219 11.46 -4.04 11.38
CA GLY A 219 11.79 -5.42 11.70
C GLY A 219 11.53 -5.75 13.16
N SER A 220 11.56 -4.74 14.01
CA SER A 220 11.43 -4.96 15.44
C SER A 220 9.98 -5.05 15.92
N ASN A 221 9.07 -4.37 15.23
CA ASN A 221 7.68 -4.31 15.69
C ASN A 221 6.68 -5.05 14.82
N CYS A 222 7.13 -5.58 13.68
CA CYS A 222 6.16 -6.14 12.74
C CYS A 222 5.60 -7.50 13.14
N GLU A 223 6.31 -8.28 13.94
CA GLU A 223 5.79 -9.59 14.33
C GLU A 223 4.51 -9.44 15.13
N LYS A 224 4.52 -8.55 16.11
CA LYS A 224 3.35 -8.35 16.95
C LYS A 224 2.17 -7.79 16.16
N LEU A 225 2.45 -6.99 15.15
CA LEU A 225 1.40 -6.48 14.29
C LEU A 225 0.86 -7.61 13.40
N GLY A 226 1.77 -8.41 12.85
CA GLY A 226 1.40 -9.50 11.98
C GLY A 226 0.60 -10.59 12.68
N GLN A 227 0.66 -10.60 14.02
CA GLN A 227 -0.10 -11.58 14.78
C GLN A 227 -1.56 -11.18 14.96
N CYS A 228 -1.89 -9.92 14.65
CA CYS A 228 -3.26 -9.44 14.73
C CYS A 228 -4.07 -10.02 13.57
N PRO A 229 -5.22 -10.65 13.87
CA PRO A 229 -6.01 -11.32 12.85
C PRO A 229 -6.33 -10.46 11.62
N ASN A 230 -6.58 -9.17 11.80
CA ASN A 230 -7.00 -8.33 10.67
C ASN A 230 -5.91 -7.53 9.99
N ILE A 231 -4.67 -7.76 10.37
CA ILE A 231 -3.55 -7.04 9.74
C ILE A 231 -2.84 -8.01 8.81
N ASP A 232 -3.07 -7.83 7.51
CA ASP A 232 -2.63 -8.80 6.52
C ASP A 232 -1.21 -8.55 6.03
N GLY A 233 -0.56 -7.53 6.57
CA GLY A 233 0.79 -7.23 6.15
C GLY A 233 1.05 -5.76 6.36
N PHE A 234 2.02 -5.24 5.62
CA PHE A 234 2.58 -3.93 5.92
C PHE A 234 2.84 -3.11 4.69
N LEU A 235 2.67 -1.80 4.82
CA LEU A 235 3.19 -0.84 3.87
C LEU A 235 4.35 -0.18 4.61
N VAL A 236 5.56 -0.39 4.10
CA VAL A 236 6.78 -0.02 4.81
C VAL A 236 7.44 1.17 4.12
N GLY A 237 7.72 2.21 4.88
CA GLY A 237 8.38 3.38 4.32
C GLY A 237 9.87 3.33 4.54
N GLY A 238 10.35 4.02 5.57
CA GLY A 238 11.78 4.07 5.82
C GLY A 238 12.50 2.73 5.85
N ALA A 239 11.92 1.74 6.52
CA ALA A 239 12.59 0.46 6.63
C ALA A 239 12.70 -0.25 5.29
N SER A 240 11.94 0.18 4.29
CA SER A 240 12.00 -0.49 2.99
C SER A 240 13.29 -0.14 2.23
N LEU A 241 14.00 0.89 2.68
CA LEU A 241 15.26 1.30 2.06
C LEU A 241 16.45 0.56 2.67
N LYS A 242 16.15 -0.31 3.64
CA LYS A 242 17.19 -0.97 4.43
C LYS A 242 17.12 -2.48 4.30
N PRO A 243 18.20 -3.18 4.69
CA PRO A 243 18.18 -4.65 4.68
C PRO A 243 17.11 -5.24 5.59
N GLU A 244 16.62 -4.47 6.57
CA GLU A 244 15.59 -5.03 7.43
C GLU A 244 14.27 -5.28 6.68
N PHE A 245 14.11 -4.70 5.50
CA PHE A 245 12.93 -5.02 4.71
C PHE A 245 12.85 -6.53 4.47
N MET A 246 13.98 -7.16 4.22
CA MET A 246 13.98 -8.60 4.01
C MET A 246 13.62 -9.37 5.27
N THR A 247 14.05 -8.85 6.42
CA THR A 247 13.69 -9.46 7.69
C THR A 247 12.18 -9.42 7.88
N MET A 248 11.57 -8.30 7.47
CA MET A 248 10.12 -8.16 7.55
C MET A 248 9.39 -9.16 6.65
N ILE A 249 9.94 -9.42 5.47
CA ILE A 249 9.33 -10.40 4.58
C ILE A 249 9.29 -11.74 5.30
N ASP A 250 10.40 -12.09 5.94
CA ASP A 250 10.50 -13.37 6.64
C ASP A 250 9.54 -13.47 7.81
N ILE A 251 9.43 -12.38 8.56
CA ILE A 251 8.54 -12.34 9.72
C ILE A 251 7.10 -12.48 9.28
N LEU A 252 6.73 -11.77 8.21
CA LEU A 252 5.37 -11.83 7.70
C LEU A 252 5.02 -13.24 7.26
N THR A 253 5.95 -13.91 6.59
CA THR A 253 5.73 -15.26 6.12
C THR A 253 5.53 -16.20 7.31
N LYS A 254 6.41 -16.10 8.29
CA LYS A 254 6.36 -16.99 9.45
C LYS A 254 5.07 -16.80 10.26
N THR A 255 4.60 -15.56 10.34
CA THR A 255 3.45 -15.25 11.18
C THR A 255 2.11 -15.52 10.51
N ARG A 256 2.04 -15.35 9.19
CA ARG A 256 0.76 -15.42 8.51
C ARG A 256 0.59 -16.49 7.43
N THR A 257 1.61 -17.33 7.24
CA THR A 257 1.44 -18.48 6.34
C THR A 257 1.71 -19.79 7.07
P PGA B . 7.23 4.97 7.41
P PGA B . 7.24 4.90 7.44
O1P PGA B . 6.29 5.31 6.14
O1P PGA B . 6.31 5.28 6.18
O2P PGA B . 7.28 3.47 7.54
O2P PGA B . 7.57 3.43 7.36
O3P PGA B . 8.62 5.52 7.22
O3P PGA B . 8.53 5.69 7.41
O4P PGA B . 6.64 5.58 8.67
O4P PGA B . 6.48 5.19 8.72
C2 PGA B . 5.40 4.35 5.60
C2 PGA B . 5.14 4.53 5.90
C1 PGA B . 4.53 4.99 4.54
C1 PGA B . 4.58 4.99 4.57
O1 PGA B . 4.45 4.51 3.37
O1 PGA B . 4.38 4.18 3.63
O2 PGA B . 3.88 6.02 4.85
O2 PGA B . 4.33 6.21 4.41
S SO4 C . 8.95 -6.44 -12.59
O1 SO4 C . 8.33 -6.60 -11.28
O2 SO4 C . 10.40 -6.31 -12.52
O3 SO4 C . 8.65 -7.67 -13.35
O4 SO4 C . 8.37 -5.31 -13.30
#